data_6BVE
#
_entry.id   6BVE
#
_cell.length_a   72.880
_cell.length_b   73.099
_cell.length_c   85.175
_cell.angle_alpha   90.000
_cell.angle_beta   90.000
_cell.angle_gamma   90.000
#
_symmetry.space_group_name_H-M   'P 21 21 21'
#
loop_
_entity.id
_entity.type
_entity.pdbx_description
1 polymer 'Triosephosphate isomerase'
2 non-polymer 'SODIUM ION'
3 non-polymer '2-PHOSPHOGLYCOLIC ACID'
4 water water
#
_entity_poly.entity_id   1
_entity_poly.type   'polypeptide(L)'
_entity_poly.pdbx_seq_one_letter_code
;GPHMRKIIIAGNWKMHKTQAEAQAFLQGFKPLIEDAAESREVVLCVPFTDLSGMSQQLHGGRVRLGAQNVHWEASGAYTG
EISAAMLTEIGIHYVVIGHSERRQYFGETDETANLRVLAAQKAGLIPILCVGESKAQRDAGETEQVIVDQVKKGLVNVDQ
SNLVIAYEPIWAIGTGDTCAATEANRVIGLIREQLTNSQVTIQYGGSVNANNVDEIMAQPEIDGALVGGASLEPQSFARI
VNFQP
;
_entity_poly.pdbx_strand_id   A,B
#
loop_
_chem_comp.id
_chem_comp.type
_chem_comp.name
_chem_comp.formula
NA non-polymer 'SODIUM ION' 'Na 1'
PGA non-polymer '2-PHOSPHOGLYCOLIC ACID' 'C2 H5 O6 P'
#
# COMPACT_ATOMS: atom_id res chain seq x y z
N MET A 4 23.19 20.86 -17.94
CA MET A 4 23.18 20.80 -16.48
C MET A 4 22.09 19.84 -16.01
N ARG A 5 22.45 18.89 -15.15
CA ARG A 5 21.46 17.91 -14.71
C ARG A 5 20.49 18.54 -13.72
N LYS A 6 19.27 17.99 -13.66
CA LYS A 6 18.22 18.57 -12.83
C LYS A 6 18.50 18.28 -11.37
N ILE A 7 18.42 19.32 -10.54
CA ILE A 7 18.58 19.20 -9.10
C ILE A 7 17.21 18.88 -8.50
N ILE A 8 17.14 17.79 -7.72
CA ILE A 8 15.86 17.35 -7.18
C ILE A 8 16.05 17.06 -5.69
N ILE A 9 15.35 17.81 -4.86
CA ILE A 9 15.36 17.60 -3.42
C ILE A 9 14.01 16.99 -3.08
N ALA A 10 14.02 15.76 -2.61
CA ALA A 10 12.79 15.00 -2.41
C ALA A 10 12.70 14.55 -0.96
N GLY A 11 11.54 14.75 -0.35
CA GLY A 11 11.29 14.32 1.01
C GLY A 11 10.48 13.04 0.98
N ASN A 12 11.00 12.02 1.64
CA ASN A 12 10.28 10.77 1.78
C ASN A 12 9.72 10.75 3.20
N TRP A 13 8.44 11.11 3.34
CA TRP A 13 7.81 11.09 4.66
C TRP A 13 7.65 9.69 5.23
N LYS A 14 7.75 8.67 4.40
CA LYS A 14 7.50 7.26 4.81
C LYS A 14 6.10 7.19 5.42
N MET A 15 5.88 6.38 6.45
CA MET A 15 4.55 6.25 7.03
C MET A 15 4.40 7.28 8.15
N HIS A 16 4.27 8.54 7.72
CA HIS A 16 4.04 9.65 8.63
C HIS A 16 3.06 10.60 7.97
N LYS A 17 2.23 11.23 8.83
CA LYS A 17 1.38 12.38 8.56
C LYS A 17 -0.01 11.99 8.07
N THR A 18 -1.00 12.25 8.92
CA THR A 18 -2.38 12.30 8.48
C THR A 18 -2.58 13.48 7.53
N GLN A 19 -3.77 13.56 6.96
CA GLN A 19 -4.06 14.72 6.10
C GLN A 19 -3.98 16.01 6.90
N ALA A 20 -4.50 16.02 8.13
CA ALA A 20 -4.41 17.22 8.96
C ALA A 20 -2.95 17.59 9.22
N GLU A 21 -2.12 16.59 9.52
CA GLU A 21 -0.71 16.85 9.77
C GLU A 21 0.01 17.29 8.50
N ALA A 22 -0.38 16.73 7.36
CA ALA A 22 0.22 17.16 6.10
C ALA A 22 -0.13 18.61 5.80
N GLN A 23 -1.37 19.00 6.08
CA GLN A 23 -1.77 20.38 5.88
C GLN A 23 -0.97 21.33 6.76
N ALA A 24 -0.77 20.97 8.03
CA ALA A 24 0.01 21.83 8.93
C ALA A 24 1.46 21.94 8.47
N PHE A 25 2.04 20.84 7.99
CA PHE A 25 3.37 20.90 7.39
C PHE A 25 3.40 21.93 6.26
N LEU A 26 2.44 21.84 5.35
CA LEU A 26 2.47 22.74 4.20
C LEU A 26 2.30 24.19 4.63
N GLN A 27 1.45 24.46 5.64
CA GLN A 27 1.30 25.81 6.16
C GLN A 27 2.65 26.39 6.58
N GLY A 28 3.51 25.57 7.17
CA GLY A 28 4.81 26.06 7.65
C GLY A 28 5.90 26.05 6.58
N PHE A 29 5.76 25.15 5.61
CA PHE A 29 6.80 24.90 4.62
C PHE A 29 6.75 25.85 3.42
N LYS A 30 5.56 26.11 2.90
CA LYS A 30 5.44 26.92 1.67
C LYS A 30 6.14 28.26 1.75
N PRO A 31 6.00 29.06 2.81
CA PRO A 31 6.70 30.36 2.84
C PRO A 31 8.21 30.23 2.84
N LEU A 32 8.74 29.11 3.36
CA LEU A 32 10.17 29.01 3.59
C LEU A 32 10.96 28.72 2.32
N ILE A 33 10.32 28.22 1.27
CA ILE A 33 11.02 27.86 0.05
C ILE A 33 10.61 28.73 -1.11
N GLU A 34 9.86 29.80 -0.83
CA GLU A 34 9.39 30.70 -1.89
C GLU A 34 10.56 31.22 -2.72
N ASP A 35 11.71 31.45 -2.11
CA ASP A 35 12.82 32.05 -2.83
C ASP A 35 13.92 31.05 -3.17
N ALA A 36 13.68 29.76 -2.98
CA ALA A 36 14.65 28.78 -3.47
C ALA A 36 14.80 28.93 -4.97
N ALA A 37 16.02 28.71 -5.47
CA ALA A 37 16.29 28.81 -6.90
C ALA A 37 15.23 28.04 -7.69
N GLU A 38 14.61 28.72 -8.66
CA GLU A 38 13.45 28.16 -9.37
C GLU A 38 13.80 26.86 -10.07
N SER A 39 15.07 26.67 -10.42
CA SER A 39 15.50 25.49 -11.14
C SER A 39 15.49 24.24 -10.27
N ARG A 40 15.40 24.39 -8.96
CA ARG A 40 15.43 23.24 -8.06
C ARG A 40 14.06 22.60 -8.00
N GLU A 41 14.00 21.29 -8.22
CA GLU A 41 12.74 20.58 -8.11
C GLU A 41 12.57 20.13 -6.66
N VAL A 42 11.44 20.50 -6.06
CA VAL A 42 11.12 20.15 -4.69
C VAL A 42 9.96 19.16 -4.73
N VAL A 43 10.15 18.01 -4.09
CA VAL A 43 9.18 16.91 -4.15
C VAL A 43 8.88 16.47 -2.72
N LEU A 44 7.60 16.28 -2.41
CA LEU A 44 7.17 15.63 -1.18
C LEU A 44 6.56 14.28 -1.57
N CYS A 45 7.13 13.20 -1.03
CA CYS A 45 6.68 11.84 -1.34
C CYS A 45 5.91 11.35 -0.11
N VAL A 46 4.60 11.21 -0.24
CA VAL A 46 3.71 11.20 0.91
C VAL A 46 2.84 9.97 0.85
N PRO A 47 2.21 9.61 1.98
CA PRO A 47 1.32 8.44 1.99
C PRO A 47 0.17 8.59 1.01
N PHE A 48 -0.30 7.44 0.48
CA PHE A 48 -1.38 7.45 -0.51
C PHE A 48 -2.55 8.31 -0.07
N THR A 49 -2.89 8.25 1.21
CA THR A 49 -4.08 8.92 1.72
C THR A 49 -3.92 10.43 1.84
N ASP A 50 -2.71 10.95 1.66
CA ASP A 50 -2.43 12.38 1.67
C ASP A 50 -2.37 12.99 0.28
N LEU A 51 -2.34 12.17 -0.79
CA LEU A 51 -2.05 12.69 -2.11
C LEU A 51 -3.10 13.69 -2.60
N SER A 52 -4.38 13.30 -2.55
N SER A 52 -4.38 13.31 -2.53
CA SER A 52 -5.43 14.14 -3.13
CA SER A 52 -5.43 14.13 -3.12
C SER A 52 -5.54 15.48 -2.41
C SER A 52 -5.57 15.47 -2.40
N GLY A 53 -5.59 15.44 -1.07
CA GLY A 53 -5.68 16.67 -0.31
C GLY A 53 -4.50 17.58 -0.55
N MET A 54 -3.29 17.03 -0.52
CA MET A 54 -2.13 17.88 -0.76
C MET A 54 -2.10 18.39 -2.18
N SER A 55 -2.56 17.58 -3.15
CA SER A 55 -2.67 18.02 -4.53
C SER A 55 -3.46 19.31 -4.64
N GLN A 56 -4.60 19.38 -3.95
CA GLN A 56 -5.42 20.59 -3.95
C GLN A 56 -4.64 21.78 -3.38
N GLN A 57 -3.96 21.57 -2.25
CA GLN A 57 -3.29 22.67 -1.57
C GLN A 57 -2.04 23.15 -2.29
N LEU A 58 -1.51 22.34 -3.21
CA LEU A 58 -0.28 22.68 -3.91
C LEU A 58 -0.50 23.08 -5.36
N HIS A 59 -1.71 22.91 -5.89
CA HIS A 59 -1.97 23.19 -7.30
C HIS A 59 -1.51 24.59 -7.68
N GLY A 60 -0.84 24.69 -8.82
CA GLY A 60 -0.28 25.95 -9.29
C GLY A 60 1.03 26.37 -8.64
N GLY A 61 1.46 25.73 -7.55
CA GLY A 61 2.72 26.05 -6.91
C GLY A 61 3.88 25.25 -7.47
N ARG A 62 5.06 25.44 -6.86
CA ARG A 62 6.27 24.78 -7.35
C ARG A 62 6.46 23.38 -6.78
N VAL A 63 5.83 23.05 -5.67
CA VAL A 63 6.11 21.78 -5.01
C VAL A 63 5.39 20.66 -5.75
N ARG A 64 6.12 19.60 -6.08
CA ARG A 64 5.57 18.41 -6.72
C ARG A 64 5.31 17.33 -5.67
N LEU A 65 4.35 16.47 -5.96
CA LEU A 65 4.01 15.35 -5.10
C LEU A 65 4.57 14.05 -5.67
N GLY A 66 4.99 13.17 -4.77
CA GLY A 66 5.34 11.81 -5.13
C GLY A 66 4.53 10.83 -4.29
N ALA A 67 4.19 9.69 -4.89
CA ALA A 67 3.73 8.54 -4.13
C ALA A 67 4.93 7.74 -3.65
N GLN A 68 4.70 6.85 -2.69
CA GLN A 68 5.79 6.04 -2.14
C GLN A 68 5.82 4.63 -2.71
N ASN A 69 4.93 4.32 -3.65
CA ASN A 69 4.89 3.02 -4.32
C ASN A 69 3.87 3.12 -5.45
N VAL A 70 3.99 2.18 -6.40
CA VAL A 70 2.97 1.98 -7.43
C VAL A 70 3.16 0.54 -7.88
N HIS A 71 2.05 -0.12 -8.25
CA HIS A 71 2.13 -1.50 -8.70
C HIS A 71 2.51 -1.54 -10.19
N TRP A 72 2.89 -2.74 -10.66
CA TRP A 72 3.36 -2.87 -12.03
C TRP A 72 2.26 -3.22 -13.04
N GLU A 73 1.07 -3.61 -12.59
CA GLU A 73 -0.04 -3.89 -13.50
C GLU A 73 -1.03 -2.73 -13.48
N ALA A 74 -1.81 -2.64 -14.57
CA ALA A 74 -2.74 -1.51 -14.69
C ALA A 74 -3.92 -1.67 -13.74
N SER A 75 -4.29 -2.91 -13.43
CA SER A 75 -5.37 -3.27 -12.52
C SER A 75 -5.20 -4.76 -12.26
N GLY A 76 -5.90 -5.27 -11.25
CA GLY A 76 -5.91 -6.70 -11.07
C GLY A 76 -5.95 -7.12 -9.61
N ALA A 77 -5.70 -8.41 -9.42
CA ALA A 77 -5.89 -9.08 -8.13
C ALA A 77 -4.62 -8.91 -7.29
N TYR A 78 -4.43 -7.66 -6.83
CA TYR A 78 -3.32 -7.28 -5.95
C TYR A 78 -3.91 -6.46 -4.82
N THR A 79 -4.57 -7.15 -3.89
CA THR A 79 -5.19 -6.48 -2.76
C THR A 79 -4.18 -5.58 -2.05
N GLY A 80 -4.58 -4.35 -1.80
CA GLY A 80 -3.75 -3.40 -1.10
C GLY A 80 -2.87 -2.52 -1.97
N GLU A 81 -2.72 -2.83 -3.25
CA GLU A 81 -1.82 -2.13 -4.14
C GLU A 81 -2.54 -0.99 -4.86
N ILE A 82 -1.76 0.00 -5.30
CA ILE A 82 -2.26 1.19 -5.98
C ILE A 82 -1.70 1.22 -7.40
N SER A 83 -2.55 1.49 -8.39
CA SER A 83 -2.13 1.45 -9.78
C SER A 83 -1.69 2.83 -10.26
N ALA A 84 -0.96 2.83 -11.37
CA ALA A 84 -0.53 4.09 -11.98
C ALA A 84 -1.72 4.98 -12.32
N ALA A 85 -2.81 4.39 -12.82
CA ALA A 85 -4.00 5.18 -13.19
C ALA A 85 -4.59 5.88 -11.97
N MET A 86 -4.56 5.21 -10.81
CA MET A 86 -5.02 5.87 -9.59
C MET A 86 -4.16 7.07 -9.25
N LEU A 87 -2.86 7.00 -9.54
CA LEU A 87 -1.98 8.12 -9.22
C LEU A 87 -2.09 9.24 -10.24
N THR A 88 -2.14 8.93 -11.54
CA THR A 88 -2.20 10.00 -12.52
C THR A 88 -3.55 10.72 -12.45
N GLU A 89 -4.60 10.06 -11.99
CA GLU A 89 -5.88 10.75 -11.83
C GLU A 89 -5.74 11.93 -10.88
N ILE A 90 -4.91 11.78 -9.83
CA ILE A 90 -4.66 12.84 -8.86
C ILE A 90 -3.76 13.91 -9.44
N GLY A 91 -2.96 13.58 -10.43
CA GLY A 91 -2.10 14.56 -11.05
C GLY A 91 -0.73 14.67 -10.43
N ILE A 92 -0.29 13.65 -9.70
CA ILE A 92 1.01 13.75 -9.05
C ILE A 92 2.10 13.48 -10.07
N HIS A 93 3.35 13.78 -9.71
CA HIS A 93 4.45 13.76 -10.66
C HIS A 93 5.46 12.64 -10.46
N TYR A 94 5.71 12.22 -9.23
CA TYR A 94 6.80 11.30 -8.93
C TYR A 94 6.27 10.04 -8.23
N VAL A 95 7.08 8.98 -8.25
CA VAL A 95 6.80 7.83 -7.39
C VAL A 95 8.14 7.21 -6.99
N VAL A 96 8.30 6.98 -5.68
CA VAL A 96 9.44 6.24 -5.15
C VAL A 96 9.22 4.76 -5.41
N ILE A 97 10.22 4.10 -5.96
CA ILE A 97 10.09 2.69 -6.31
C ILE A 97 11.31 1.93 -5.82
N GLY A 98 11.07 0.74 -5.26
CA GLY A 98 12.16 -0.09 -4.82
C GLY A 98 12.87 0.41 -3.59
N HIS A 99 12.20 1.22 -2.76
CA HIS A 99 12.79 1.63 -1.51
C HIS A 99 13.22 0.43 -0.68
N SER A 100 14.37 0.57 0.00
N SER A 100 14.36 0.56 -0.01
CA SER A 100 14.92 -0.54 0.77
CA SER A 100 14.90 -0.59 0.73
C SER A 100 13.90 -1.14 1.72
C SER A 100 13.90 -1.14 1.73
N GLU A 101 13.01 -0.31 2.28
CA GLU A 101 12.06 -0.83 3.26
C GLU A 101 11.05 -1.77 2.62
N ARG A 102 10.72 -1.54 1.35
CA ARG A 102 9.86 -2.49 0.67
C ARG A 102 10.63 -3.75 0.28
N ARG A 103 11.94 -3.64 0.01
CA ARG A 103 12.72 -4.86 -0.25
C ARG A 103 12.95 -5.64 1.03
N GLN A 104 13.15 -4.95 2.15
CA GLN A 104 13.41 -5.63 3.41
C GLN A 104 12.15 -6.34 3.92
N TYR A 105 11.01 -5.65 3.91
CA TYR A 105 9.83 -6.15 4.59
C TYR A 105 8.76 -6.69 3.68
N PHE A 106 8.65 -6.18 2.47
CA PHE A 106 7.42 -6.37 1.72
C PHE A 106 7.65 -7.06 0.38
N GLY A 107 8.72 -7.85 0.27
CA GLY A 107 8.86 -8.74 -0.87
C GLY A 107 9.34 -8.12 -2.16
N GLU A 108 9.73 -6.85 -2.18
CA GLU A 108 10.19 -6.24 -3.42
C GLU A 108 11.49 -6.87 -3.88
N THR A 109 11.55 -7.24 -5.16
CA THR A 109 12.77 -7.75 -5.79
C THR A 109 13.26 -6.74 -6.81
N ASP A 110 14.49 -6.95 -7.29
CA ASP A 110 14.94 -6.13 -8.41
C ASP A 110 13.96 -6.22 -9.56
N GLU A 111 13.43 -7.43 -9.79
CA GLU A 111 12.55 -7.65 -10.93
C GLU A 111 11.24 -6.92 -10.75
N THR A 112 10.64 -6.96 -9.55
CA THR A 112 9.38 -6.22 -9.41
C THR A 112 9.63 -4.72 -9.39
N ALA A 113 10.75 -4.28 -8.84
CA ALA A 113 11.09 -2.87 -8.89
C ALA A 113 11.14 -2.38 -10.33
N ASN A 114 11.81 -3.14 -11.20
CA ASN A 114 11.86 -2.81 -12.61
C ASN A 114 10.48 -2.69 -13.21
N LEU A 115 9.61 -3.68 -12.93
CA LEU A 115 8.28 -3.67 -13.50
C LEU A 115 7.48 -2.46 -13.04
N ARG A 116 7.63 -2.05 -11.76
CA ARG A 116 6.95 -0.86 -11.26
C ARG A 116 7.45 0.39 -11.96
N VAL A 117 8.77 0.49 -12.16
CA VAL A 117 9.33 1.61 -12.90
C VAL A 117 8.69 1.71 -14.27
N LEU A 118 8.60 0.58 -14.98
CA LEU A 118 8.01 0.58 -16.32
C LEU A 118 6.57 1.07 -16.27
N ALA A 119 5.79 0.57 -15.31
CA ALA A 119 4.40 1.00 -15.19
C ALA A 119 4.30 2.51 -14.93
N ALA A 120 5.15 3.03 -14.03
CA ALA A 120 5.16 4.45 -13.75
C ALA A 120 5.47 5.26 -15.01
N GLN A 121 6.50 4.84 -15.75
CA GLN A 121 6.92 5.62 -16.92
C GLN A 121 5.83 5.69 -17.97
N LYS A 122 5.21 4.55 -18.26
CA LYS A 122 4.17 4.51 -19.28
C LYS A 122 2.98 5.37 -18.90
N ALA A 123 2.78 5.65 -17.61
CA ALA A 123 1.72 6.56 -17.19
C ALA A 123 2.16 8.01 -17.17
N GLY A 124 3.43 8.30 -17.42
CA GLY A 124 3.92 9.66 -17.36
C GLY A 124 4.36 10.09 -15.98
N LEU A 125 4.47 9.17 -15.04
CA LEU A 125 5.06 9.49 -13.76
C LEU A 125 6.58 9.45 -13.88
N ILE A 126 7.25 10.17 -12.99
CA ILE A 126 8.71 10.15 -12.92
C ILE A 126 9.11 9.16 -11.82
N PRO A 127 9.72 8.03 -12.15
CA PRO A 127 10.13 7.07 -11.12
C PRO A 127 11.43 7.50 -10.46
N ILE A 128 11.47 7.33 -9.15
CA ILE A 128 12.71 7.41 -8.38
C ILE A 128 13.06 5.99 -7.96
N LEU A 129 13.97 5.37 -8.70
CA LEU A 129 14.40 4.00 -8.38
C LEU A 129 15.49 4.02 -7.30
N CYS A 130 15.26 3.28 -6.22
CA CYS A 130 16.18 3.26 -5.07
C CYS A 130 17.06 2.02 -5.15
N VAL A 131 18.37 2.22 -4.97
CA VAL A 131 19.32 1.11 -4.94
C VAL A 131 20.22 1.31 -3.73
N GLY A 132 20.78 0.22 -3.24
CA GLY A 132 21.68 0.37 -2.11
C GLY A 132 22.13 -0.95 -1.53
N GLU A 133 23.34 -1.00 -1.01
CA GLU A 133 23.94 -2.21 -0.47
C GLU A 133 23.75 -2.28 1.03
N SER A 134 23.73 -3.50 1.57
CA SER A 134 23.62 -3.72 3.00
C SER A 134 24.98 -3.53 3.68
N LYS A 135 24.93 -3.45 5.02
CA LYS A 135 26.16 -3.39 5.79
C LYS A 135 27.03 -4.60 5.52
N ALA A 136 26.43 -5.79 5.54
CA ALA A 136 27.16 -7.02 5.25
C ALA A 136 27.77 -7.00 3.85
N GLN A 137 26.99 -6.57 2.86
CA GLN A 137 27.53 -6.45 1.49
C GLN A 137 28.68 -5.46 1.44
N ARG A 138 28.53 -4.30 2.09
CA ARG A 138 29.61 -3.33 2.10
C ARG A 138 30.83 -3.90 2.80
N ASP A 139 30.63 -4.56 3.94
CA ASP A 139 31.75 -5.12 4.70
C ASP A 139 32.41 -6.28 3.97
N ALA A 140 31.65 -7.06 3.19
CA ALA A 140 32.23 -8.10 2.37
C ALA A 140 32.89 -7.58 1.10
N GLY A 141 32.97 -6.26 0.93
CA GLY A 141 33.56 -5.69 -0.27
C GLY A 141 32.73 -5.83 -1.52
N GLU A 142 31.41 -5.92 -1.39
CA GLU A 142 30.55 -6.26 -2.52
C GLU A 142 29.72 -5.09 -3.05
N THR A 143 29.97 -3.86 -2.56
CA THR A 143 29.14 -2.72 -2.96
C THR A 143 29.04 -2.57 -4.48
N GLU A 144 30.19 -2.54 -5.16
CA GLU A 144 30.17 -2.31 -6.60
C GLU A 144 29.32 -3.34 -7.34
N GLN A 145 29.55 -4.62 -7.06
CA GLN A 145 28.80 -5.69 -7.73
C GLN A 145 27.30 -5.61 -7.42
N VAL A 146 26.95 -5.38 -6.15
CA VAL A 146 25.53 -5.28 -5.78
C VAL A 146 24.87 -4.14 -6.53
N ILE A 147 25.50 -2.96 -6.51
CA ILE A 147 24.90 -1.76 -7.09
C ILE A 147 24.78 -1.90 -8.60
N VAL A 148 25.81 -2.43 -9.25
CA VAL A 148 25.74 -2.64 -10.70
C VAL A 148 24.60 -3.60 -11.04
N ASP A 149 24.43 -4.66 -10.26
N ASP A 149 24.41 -4.65 -10.24
CA ASP A 149 23.35 -5.61 -10.55
CA ASP A 149 23.37 -5.62 -10.53
C ASP A 149 21.98 -4.98 -10.33
C ASP A 149 21.97 -5.05 -10.29
N GLN A 150 21.80 -4.23 -9.23
CA GLN A 150 20.51 -3.60 -8.99
C GLN A 150 20.16 -2.62 -10.11
N VAL A 151 21.16 -1.90 -10.61
CA VAL A 151 20.91 -0.93 -11.68
C VAL A 151 20.59 -1.67 -12.97
N LYS A 152 21.36 -2.69 -13.30
CA LYS A 152 21.09 -3.44 -14.52
C LYS A 152 19.70 -4.07 -14.49
N LYS A 153 19.38 -4.77 -13.40
CA LYS A 153 18.07 -5.41 -13.32
C LYS A 153 16.96 -4.38 -13.21
N GLY A 154 17.20 -3.28 -12.48
CA GLY A 154 16.18 -2.28 -12.30
C GLY A 154 15.82 -1.52 -13.58
N LEU A 155 16.74 -1.45 -14.54
CA LEU A 155 16.55 -0.56 -15.69
C LEU A 155 16.26 -1.30 -16.99
N VAL A 156 16.00 -2.61 -16.96
CA VAL A 156 15.66 -3.31 -18.19
C VAL A 156 14.44 -2.64 -18.83
N ASN A 157 14.60 -2.20 -20.09
CA ASN A 157 13.53 -1.58 -20.89
C ASN A 157 13.13 -0.19 -20.41
N VAL A 158 13.84 0.36 -19.43
CA VAL A 158 13.47 1.64 -18.81
C VAL A 158 13.95 2.79 -19.67
N ASP A 159 13.10 3.80 -19.83
CA ASP A 159 13.41 5.05 -20.52
C ASP A 159 14.31 5.89 -19.64
N GLN A 160 15.58 6.05 -20.01
CA GLN A 160 16.48 6.78 -19.14
C GLN A 160 16.41 8.29 -19.34
N SER A 161 15.44 8.76 -20.15
CA SER A 161 15.12 10.18 -20.21
C SER A 161 14.02 10.55 -19.24
N ASN A 162 13.40 9.59 -18.55
CA ASN A 162 12.41 9.86 -17.51
C ASN A 162 12.74 8.97 -16.30
N LEU A 163 13.80 9.32 -15.59
CA LEU A 163 14.34 8.42 -14.58
C LEU A 163 15.13 9.22 -13.56
N VAL A 164 14.86 8.97 -12.29
CA VAL A 164 15.69 9.42 -11.18
C VAL A 164 16.18 8.19 -10.45
N ILE A 165 17.44 8.19 -10.05
CA ILE A 165 17.98 7.10 -9.23
C ILE A 165 18.39 7.69 -7.89
N ALA A 166 18.07 6.99 -6.81
CA ALA A 166 18.52 7.35 -5.47
C ALA A 166 19.40 6.23 -4.93
N TYR A 167 20.67 6.56 -4.69
CA TYR A 167 21.59 5.64 -4.00
C TYR A 167 21.40 5.83 -2.51
N GLU A 168 20.89 4.80 -1.83
CA GLU A 168 20.65 4.89 -0.39
C GLU A 168 21.32 3.69 0.24
N PRO A 169 22.60 3.80 0.65
CA PRO A 169 23.25 2.68 1.35
C PRO A 169 22.42 2.29 2.55
N ILE A 170 22.01 1.02 2.66
CA ILE A 170 20.96 0.67 3.61
C ILE A 170 21.41 1.02 5.02
N TRP A 171 22.69 0.85 5.32
CA TRP A 171 23.17 1.11 6.67
C TRP A 171 23.12 2.59 7.05
N ALA A 172 22.86 3.49 6.10
CA ALA A 172 22.77 4.91 6.36
C ALA A 172 21.33 5.37 6.56
N ILE A 173 20.36 4.49 6.30
CA ILE A 173 18.95 4.86 6.33
C ILE A 173 18.44 4.86 7.77
N GLY A 174 18.07 6.04 8.25
CA GLY A 174 17.47 6.17 9.57
C GLY A 174 18.40 5.96 10.72
N THR A 175 19.70 5.77 10.47
CA THR A 175 20.66 5.42 11.52
C THR A 175 21.46 6.61 12.00
N GLY A 176 21.45 7.72 11.27
CA GLY A 176 22.36 8.81 11.55
C GLY A 176 23.76 8.59 11.03
N ASP A 177 24.04 7.42 10.45
CA ASP A 177 25.35 7.06 9.92
C ASP A 177 25.39 7.44 8.43
N THR A 178 25.47 8.75 8.20
CA THR A 178 25.55 9.26 6.83
C THR A 178 26.79 8.76 6.11
N CYS A 179 26.60 8.30 4.88
CA CYS A 179 27.72 7.93 4.04
C CYS A 179 28.60 9.15 3.78
N ALA A 180 29.92 8.94 3.88
CA ALA A 180 30.89 9.97 3.51
C ALA A 180 30.55 10.53 2.13
N ALA A 181 30.53 11.86 2.03
CA ALA A 181 30.10 12.48 0.77
C ALA A 181 30.96 12.03 -0.40
N THR A 182 32.28 11.91 -0.20
CA THR A 182 33.13 11.46 -1.29
C THR A 182 32.88 10.01 -1.64
N GLU A 183 32.43 9.19 -0.69
CA GLU A 183 32.14 7.81 -1.04
C GLU A 183 30.79 7.70 -1.76
N ALA A 184 29.80 8.49 -1.34
CA ALA A 184 28.56 8.55 -2.11
C ALA A 184 28.82 9.00 -3.54
N ASN A 185 29.67 10.02 -3.69
CA ASN A 185 30.07 10.47 -5.01
C ASN A 185 30.68 9.34 -5.82
N ARG A 186 31.52 8.52 -5.17
CA ARG A 186 32.19 7.43 -5.88
C ARG A 186 31.18 6.41 -6.38
N VAL A 187 30.29 5.96 -5.51
CA VAL A 187 29.30 4.97 -5.92
C VAL A 187 28.34 5.56 -6.94
N ILE A 188 27.91 6.80 -6.74
CA ILE A 188 26.98 7.39 -7.70
C ILE A 188 27.67 7.55 -9.06
N GLY A 189 28.95 7.90 -9.06
CA GLY A 189 29.70 7.89 -10.31
C GLY A 189 29.70 6.53 -10.98
N LEU A 190 29.81 5.45 -10.19
CA LEU A 190 29.75 4.11 -10.73
C LEU A 190 28.39 3.82 -11.34
N ILE A 191 27.32 4.25 -10.66
CA ILE A 191 25.98 4.13 -11.23
C ILE A 191 25.89 4.86 -12.56
N ARG A 192 26.34 6.11 -12.59
CA ARG A 192 26.25 6.91 -13.82
C ARG A 192 26.98 6.23 -14.97
N GLU A 193 28.06 5.50 -14.66
CA GLU A 193 28.80 4.78 -15.68
C GLU A 193 27.96 3.70 -16.34
N GLN A 194 27.03 3.08 -15.61
CA GLN A 194 26.19 2.05 -16.20
C GLN A 194 25.11 2.61 -17.10
N LEU A 195 24.88 3.90 -17.08
CA LEU A 195 23.73 4.46 -17.76
C LEU A 195 24.03 4.72 -19.23
N THR A 196 22.98 4.73 -20.05
CA THR A 196 23.12 5.23 -21.41
C THR A 196 22.77 6.71 -21.53
N ASN A 197 22.11 7.28 -20.54
CA ASN A 197 21.87 8.73 -20.49
C ASN A 197 22.60 9.24 -19.26
N SER A 198 23.78 9.84 -19.45
CA SER A 198 24.55 10.33 -18.33
C SER A 198 23.92 11.53 -17.64
N GLN A 199 22.86 12.11 -18.21
CA GLN A 199 22.21 13.29 -17.64
C GLN A 199 21.15 12.93 -16.59
N VAL A 200 20.98 11.64 -16.29
CA VAL A 200 20.02 11.22 -15.27
C VAL A 200 20.37 11.88 -13.95
N THR A 201 19.36 12.46 -13.28
CA THR A 201 19.52 12.92 -11.90
C THR A 201 19.74 11.73 -10.98
N ILE A 202 20.85 11.73 -10.26
CA ILE A 202 21.13 10.67 -9.28
C ILE A 202 21.25 11.33 -7.90
N GLN A 203 20.41 10.90 -6.97
CA GLN A 203 20.34 11.42 -5.61
C GLN A 203 21.11 10.54 -4.64
N TYR A 204 21.52 11.16 -3.54
CA TYR A 204 21.97 10.40 -2.38
C TYR A 204 20.84 10.39 -1.36
N GLY A 205 20.62 9.26 -0.72
CA GLY A 205 19.76 9.21 0.45
C GLY A 205 20.44 8.46 1.58
N GLY A 206 20.08 8.84 2.81
CA GLY A 206 20.56 8.09 3.96
C GLY A 206 21.09 9.03 5.01
N SER A 207 20.20 9.48 5.89
CA SER A 207 20.54 10.42 6.96
C SER A 207 21.08 11.75 6.42
N VAL A 208 20.50 12.22 5.31
CA VAL A 208 20.68 13.62 4.92
C VAL A 208 19.98 14.52 5.93
N ASN A 209 20.66 15.59 6.34
CA ASN A 209 20.03 16.53 7.25
C ASN A 209 20.47 17.94 6.85
N ALA A 210 19.96 18.94 7.56
CA ALA A 210 20.29 20.31 7.19
C ALA A 210 21.78 20.62 7.33
N ASN A 211 22.52 19.80 8.08
CA ASN A 211 23.91 20.12 8.37
C ASN A 211 24.90 19.38 7.48
N ASN A 212 24.45 18.45 6.63
CA ASN A 212 25.32 17.80 5.67
C ASN A 212 24.84 17.97 4.23
N VAL A 213 23.69 18.62 4.01
CA VAL A 213 23.17 18.71 2.64
C VAL A 213 24.13 19.50 1.74
N ASP A 214 24.73 20.59 2.26
CA ASP A 214 25.62 21.40 1.43
C ASP A 214 26.80 20.58 0.94
N GLU A 215 27.41 19.83 1.86
CA GLU A 215 28.55 18.99 1.56
C GLU A 215 28.20 17.88 0.58
N ILE A 216 27.00 17.30 0.71
CA ILE A 216 26.61 16.23 -0.20
C ILE A 216 26.33 16.77 -1.59
N MET A 217 25.63 17.90 -1.69
CA MET A 217 25.33 18.49 -3.00
C MET A 217 26.58 19.02 -3.67
N ALA A 218 27.61 19.36 -2.88
CA ALA A 218 28.88 19.81 -3.43
C ALA A 218 29.63 18.73 -4.21
N GLN A 219 29.27 17.46 -4.07
CA GLN A 219 29.91 16.41 -4.85
C GLN A 219 29.48 16.49 -6.32
N PRO A 220 30.43 16.36 -7.27
CA PRO A 220 30.06 16.61 -8.67
C PRO A 220 29.12 15.57 -9.27
N GLU A 221 29.09 14.32 -8.79
CA GLU A 221 28.15 13.35 -9.36
C GLU A 221 26.78 13.41 -8.73
N ILE A 222 26.59 14.15 -7.65
CA ILE A 222 25.35 14.08 -6.88
C ILE A 222 24.45 15.23 -7.25
N ASP A 223 23.21 14.90 -7.63
CA ASP A 223 22.30 15.89 -8.19
C ASP A 223 21.09 16.13 -7.30
N GLY A 224 21.06 15.55 -6.10
CA GLY A 224 19.88 15.73 -5.28
C GLY A 224 19.95 14.83 -4.07
N ALA A 225 18.85 14.82 -3.31
CA ALA A 225 18.78 14.09 -2.06
C ALA A 225 17.37 13.53 -1.89
N LEU A 226 17.28 12.31 -1.36
CA LEU A 226 16.04 11.69 -0.93
C LEU A 226 16.12 11.66 0.58
N VAL A 227 15.28 12.45 1.24
CA VAL A 227 15.45 12.81 2.64
C VAL A 227 14.32 12.17 3.43
N GLY A 228 14.68 11.33 4.41
CA GLY A 228 13.67 10.71 5.27
C GLY A 228 13.32 11.54 6.49
N GLY A 229 13.95 11.22 7.61
CA GLY A 229 13.56 11.83 8.88
C GLY A 229 13.64 13.35 8.85
N ALA A 230 14.65 13.89 8.17
CA ALA A 230 14.82 15.34 8.14
C ALA A 230 13.84 16.03 7.20
N SER A 231 12.99 15.28 6.50
CA SER A 231 11.93 15.91 5.71
C SER A 231 10.61 16.04 6.45
N LEU A 232 10.52 15.59 7.71
CA LEU A 232 9.24 15.53 8.39
C LEU A 232 8.80 16.86 9.00
N GLU A 233 9.70 17.81 9.16
CA GLU A 233 9.25 19.09 9.69
C GLU A 233 9.70 20.21 8.78
N PRO A 234 8.94 21.31 8.72
CA PRO A 234 9.12 22.28 7.64
C PRO A 234 10.46 22.99 7.62
N GLN A 235 10.91 23.47 8.78
N GLN A 235 10.93 23.49 8.77
CA GLN A 235 12.14 24.25 8.85
CA GLN A 235 12.16 24.27 8.76
C GLN A 235 13.33 23.40 8.42
C GLN A 235 13.36 23.40 8.41
N SER A 236 13.39 22.17 8.93
CA SER A 236 14.44 21.24 8.53
C SER A 236 14.43 20.99 7.03
N PHE A 237 13.26 20.60 6.48
CA PHE A 237 13.24 20.30 5.06
C PHE A 237 13.50 21.54 4.21
N ALA A 238 13.03 22.71 4.66
CA ALA A 238 13.28 23.93 3.91
C ALA A 238 14.78 24.26 3.83
N ARG A 239 15.53 24.06 4.94
CA ARG A 239 16.97 24.30 4.88
C ARG A 239 17.64 23.35 3.90
N ILE A 240 17.13 22.14 3.77
CA ILE A 240 17.68 21.20 2.81
C ILE A 240 17.34 21.62 1.38
N VAL A 241 16.11 22.08 1.16
CA VAL A 241 15.75 22.62 -0.14
C VAL A 241 16.61 23.84 -0.46
N ASN A 242 16.84 24.68 0.54
CA ASN A 242 17.64 25.90 0.41
C ASN A 242 19.12 25.64 0.62
N PHE A 243 19.65 24.50 0.17
CA PHE A 243 21.06 24.23 0.35
C PHE A 243 21.91 25.26 -0.37
N GLN A 244 23.10 25.48 0.15
CA GLN A 244 24.05 26.47 -0.33
C GLN A 244 25.14 25.82 -1.18
N PRO A 245 25.63 26.51 -2.21
CA PRO A 245 25.14 27.84 -2.65
C PRO A 245 23.87 27.77 -3.51
N MET B 4 -28.18 -13.62 17.17
CA MET B 4 -27.71 -14.06 15.86
C MET B 4 -26.42 -13.34 15.46
N ARG B 5 -25.51 -14.06 14.81
CA ARG B 5 -24.27 -13.45 14.36
C ARG B 5 -24.53 -12.44 13.25
N LYS B 6 -23.65 -11.46 13.15
CA LYS B 6 -23.83 -10.39 12.18
C LYS B 6 -23.52 -10.89 10.77
N ILE B 7 -24.43 -10.62 9.83
N ILE B 7 -24.44 -10.63 9.85
CA ILE B 7 -24.23 -10.94 8.42
CA ILE B 7 -24.22 -10.93 8.43
C ILE B 7 -23.48 -9.80 7.77
C ILE B 7 -23.45 -9.78 7.80
N ILE B 8 -22.37 -10.10 7.09
CA ILE B 8 -21.51 -9.09 6.49
C ILE B 8 -21.17 -9.51 5.08
N ILE B 9 -21.59 -8.71 4.10
CA ILE B 9 -21.29 -8.96 2.70
C ILE B 9 -20.29 -7.90 2.27
N ALA B 10 -19.06 -8.30 2.00
CA ALA B 10 -18.00 -7.34 1.74
C ALA B 10 -17.47 -7.55 0.33
N GLY B 11 -17.26 -6.45 -0.39
CA GLY B 11 -16.63 -6.49 -1.69
C GLY B 11 -15.18 -6.08 -1.58
N ASN B 12 -14.30 -6.93 -2.08
CA ASN B 12 -12.88 -6.58 -2.14
C ASN B 12 -12.60 -6.22 -3.59
N TRP B 13 -12.54 -4.91 -3.89
CA TRP B 13 -12.24 -4.47 -5.25
C TRP B 13 -10.80 -4.78 -5.65
N LYS B 14 -9.94 -5.10 -4.70
CA LYS B 14 -8.52 -5.28 -4.97
C LYS B 14 -8.00 -4.05 -5.70
N MET B 15 -7.08 -4.22 -6.65
CA MET B 15 -6.50 -3.05 -7.33
C MET B 15 -7.36 -2.74 -8.56
N HIS B 16 -8.55 -2.19 -8.27
CA HIS B 16 -9.49 -1.74 -9.29
C HIS B 16 -10.15 -0.45 -8.82
N LYS B 17 -10.39 0.43 -9.79
CA LYS B 17 -11.25 1.61 -9.75
C LYS B 17 -10.51 2.88 -9.32
N THR B 18 -10.33 3.78 -10.28
CA THR B 18 -10.02 5.17 -9.97
C THR B 18 -11.16 5.80 -9.17
N GLN B 19 -10.95 7.04 -8.72
CA GLN B 19 -12.04 7.75 -8.04
C GLN B 19 -13.25 7.93 -8.98
N ALA B 20 -12.99 8.22 -10.25
CA ALA B 20 -14.10 8.36 -11.20
C ALA B 20 -14.87 7.05 -11.35
N GLU B 21 -14.14 5.93 -11.46
CA GLU B 21 -14.81 4.64 -11.59
C GLU B 21 -15.52 4.25 -10.31
N ALA B 22 -14.94 4.58 -9.16
CA ALA B 22 -15.62 4.30 -7.90
C ALA B 22 -16.91 5.10 -7.78
N GLN B 23 -16.89 6.37 -8.20
CA GLN B 23 -18.09 7.20 -8.17
C GLN B 23 -19.19 6.61 -9.05
N ALA B 24 -18.81 6.18 -10.26
CA ALA B 24 -19.78 5.59 -11.18
C ALA B 24 -20.37 4.30 -10.61
N PHE B 25 -19.55 3.48 -9.96
CA PHE B 25 -20.06 2.29 -9.29
C PHE B 25 -21.12 2.67 -8.27
N LEU B 26 -20.83 3.66 -7.41
CA LEU B 26 -21.80 3.98 -6.36
C LEU B 26 -23.11 4.48 -6.94
N GLN B 27 -23.06 5.20 -8.07
CA GLN B 27 -24.28 5.65 -8.74
C GLN B 27 -25.18 4.49 -9.09
N GLY B 28 -24.59 3.42 -9.65
CA GLY B 28 -25.40 2.28 -10.04
C GLY B 28 -25.77 1.40 -8.88
N PHE B 29 -24.94 1.40 -7.82
CA PHE B 29 -25.09 0.48 -6.70
C PHE B 29 -26.08 0.97 -5.65
N LYS B 30 -26.01 2.24 -5.27
CA LYS B 30 -26.90 2.75 -4.22
C LYS B 30 -28.37 2.47 -4.48
N PRO B 31 -28.92 2.68 -5.68
CA PRO B 31 -30.34 2.36 -5.90
C PRO B 31 -30.68 0.90 -5.69
N LEU B 32 -29.73 0.00 -5.88
CA LEU B 32 -30.01 -1.44 -5.87
C LEU B 32 -30.01 -2.07 -4.48
N ILE B 33 -29.45 -1.41 -3.48
CA ILE B 33 -29.42 -1.92 -2.13
C ILE B 33 -30.17 -1.02 -1.17
N GLU B 34 -30.88 -0.02 -1.71
CA GLU B 34 -31.66 0.91 -0.89
C GLU B 34 -32.59 0.16 0.05
N ASP B 35 -33.26 -0.88 -0.46
CA ASP B 35 -34.22 -1.65 0.31
C ASP B 35 -33.68 -2.99 0.79
N ALA B 36 -32.35 -3.16 0.84
CA ALA B 36 -31.79 -4.42 1.34
C ALA B 36 -32.05 -4.57 2.82
N ALA B 37 -32.18 -5.83 3.26
CA ALA B 37 -32.48 -6.11 4.66
C ALA B 37 -31.52 -5.37 5.57
N GLU B 38 -32.07 -4.56 6.49
CA GLU B 38 -31.23 -3.68 7.28
C GLU B 38 -30.23 -4.44 8.14
N SER B 39 -30.51 -5.71 8.44
CA SER B 39 -29.60 -6.49 9.25
C SER B 39 -28.32 -6.88 8.51
N ARG B 40 -28.26 -6.70 7.20
CA ARG B 40 -27.08 -7.12 6.44
C ARG B 40 -26.12 -5.96 6.30
N GLU B 41 -24.89 -6.15 6.81
CA GLU B 41 -23.85 -5.15 6.70
C GLU B 41 -23.22 -5.22 5.31
N VAL B 42 -23.20 -4.10 4.60
CA VAL B 42 -22.66 -4.02 3.25
C VAL B 42 -21.36 -3.23 3.31
N VAL B 43 -20.28 -3.83 2.82
CA VAL B 43 -18.96 -3.22 2.93
C VAL B 43 -18.31 -3.21 1.55
N LEU B 44 -17.71 -2.08 1.20
CA LEU B 44 -16.82 -1.99 0.04
C LEU B 44 -15.40 -1.75 0.52
N CYS B 45 -14.49 -2.69 0.22
CA CYS B 45 -13.08 -2.57 0.56
C CYS B 45 -12.33 -2.11 -0.68
N VAL B 46 -11.84 -0.87 -0.64
CA VAL B 46 -11.49 -0.15 -1.86
C VAL B 46 -10.04 0.31 -1.74
N PRO B 47 -9.43 0.71 -2.87
CA PRO B 47 -8.05 1.22 -2.82
C PRO B 47 -7.94 2.45 -1.92
N PHE B 48 -6.75 2.64 -1.34
CA PHE B 48 -6.52 3.77 -0.45
C PHE B 48 -6.98 5.08 -1.07
N THR B 49 -6.67 5.28 -2.34
CA THR B 49 -6.92 6.55 -3.02
C THR B 49 -8.39 6.79 -3.32
N ASP B 50 -9.27 5.81 -3.09
CA ASP B 50 -10.71 5.99 -3.24
C ASP B 50 -11.43 6.25 -1.93
N LEU B 51 -10.76 6.05 -0.78
CA LEU B 51 -11.48 6.03 0.50
C LEU B 51 -12.13 7.38 0.81
N SER B 52 -11.35 8.46 0.73
N SER B 52 -11.36 8.46 0.73
CA SER B 52 -11.86 9.78 1.13
CA SER B 52 -11.90 9.76 1.15
C SER B 52 -13.01 10.22 0.22
C SER B 52 -13.03 10.21 0.23
N GLY B 53 -12.83 10.07 -1.09
CA GLY B 53 -13.88 10.48 -2.03
C GLY B 53 -15.17 9.70 -1.87
N MET B 54 -15.05 8.38 -1.70
CA MET B 54 -16.24 7.57 -1.49
C MET B 54 -16.90 7.88 -0.16
N SER B 55 -16.09 8.18 0.87
N SER B 55 -16.09 8.16 0.87
CA SER B 55 -16.66 8.47 2.18
CA SER B 55 -16.64 8.48 2.18
C SER B 55 -17.60 9.67 2.10
C SER B 55 -17.60 9.66 2.08
N GLN B 56 -17.22 10.68 1.31
CA GLN B 56 -18.08 11.86 1.18
C GLN B 56 -19.38 11.52 0.44
N GLN B 57 -19.37 10.51 -0.43
N GLN B 57 -19.37 10.52 -0.44
CA GLN B 57 -20.56 10.11 -1.17
CA GLN B 57 -20.57 10.13 -1.16
C GLN B 57 -21.44 9.14 -0.37
C GLN B 57 -21.46 9.17 -0.36
N LEU B 58 -21.02 8.74 0.82
CA LEU B 58 -21.72 7.68 1.54
C LEU B 58 -22.31 8.13 2.87
N HIS B 59 -22.11 9.39 3.26
CA HIS B 59 -22.61 9.85 4.55
C HIS B 59 -24.11 9.64 4.67
N GLY B 60 -24.54 9.07 5.79
CA GLY B 60 -25.93 8.81 6.03
C GLY B 60 -26.48 7.58 5.34
N GLY B 61 -25.70 6.89 4.52
CA GLY B 61 -26.14 5.67 3.88
C GLY B 61 -25.83 4.46 4.72
N ARG B 62 -26.11 3.30 4.17
CA ARG B 62 -25.81 2.07 4.88
C ARG B 62 -24.47 1.45 4.50
N VAL B 63 -23.89 1.86 3.39
CA VAL B 63 -22.70 1.19 2.87
C VAL B 63 -21.49 1.61 3.69
N ARG B 64 -20.76 0.65 4.22
CA ARG B 64 -19.55 0.98 4.94
C ARG B 64 -18.34 0.79 4.05
N LEU B 65 -17.25 1.45 4.42
CA LEU B 65 -15.99 1.35 3.70
C LEU B 65 -14.96 0.54 4.48
N GLY B 66 -14.12 -0.15 3.73
CA GLY B 66 -12.94 -0.76 4.27
C GLY B 66 -11.74 -0.43 3.43
N ALA B 67 -10.58 -0.39 4.08
CA ALA B 67 -9.32 -0.39 3.36
C ALA B 67 -8.89 -1.83 3.14
N GLN B 68 -7.88 -2.01 2.29
CA GLN B 68 -7.39 -3.33 1.91
C GLN B 68 -6.09 -3.71 2.61
N ASN B 69 -5.60 -2.86 3.51
CA ASN B 69 -4.41 -3.15 4.30
C ASN B 69 -4.28 -2.02 5.31
N VAL B 70 -3.49 -2.27 6.34
CA VAL B 70 -3.07 -1.25 7.30
C VAL B 70 -1.79 -1.80 7.94
N HIS B 71 -0.86 -0.91 8.28
CA HIS B 71 0.38 -1.36 8.88
C HIS B 71 0.22 -1.58 10.39
N TRP B 72 1.20 -2.24 11.01
CA TRP B 72 1.09 -2.59 12.42
C TRP B 72 1.67 -1.53 13.36
N GLU B 73 2.40 -0.55 12.85
CA GLU B 73 2.94 0.50 13.70
C GLU B 73 2.15 1.79 13.50
N ALA B 74 2.18 2.67 14.51
CA ALA B 74 1.41 3.91 14.43
C ALA B 74 2.00 4.88 13.41
N SER B 75 3.30 4.84 13.20
CA SER B 75 4.05 5.67 12.27
C SER B 75 5.42 5.04 12.16
N GLY B 76 6.19 5.44 11.15
CA GLY B 76 7.59 5.06 11.14
C GLY B 76 8.12 4.79 9.74
N ALA B 77 9.26 4.09 9.71
CA ALA B 77 10.09 3.97 8.51
C ALA B 77 9.61 2.76 7.70
N TYR B 78 8.42 2.92 7.13
CA TYR B 78 7.76 1.87 6.35
C TYR B 78 7.23 2.52 5.09
N THR B 79 8.15 2.85 4.19
CA THR B 79 7.80 3.51 2.95
C THR B 79 6.72 2.72 2.22
N GLY B 80 5.67 3.43 1.77
CA GLY B 80 4.54 2.84 1.07
C GLY B 80 3.38 2.39 1.94
N GLU B 81 3.56 2.26 3.26
CA GLU B 81 2.51 1.72 4.14
C GLU B 81 1.63 2.82 4.71
N ILE B 82 0.40 2.43 5.05
CA ILE B 82 -0.63 3.32 5.57
C ILE B 82 -0.92 2.92 7.01
N SER B 83 -1.01 3.90 7.89
CA SER B 83 -1.21 3.62 9.30
C SER B 83 -2.68 3.66 9.66
N ALA B 84 -2.98 3.15 10.85
CA ALA B 84 -4.35 3.14 11.32
C ALA B 84 -4.88 4.57 11.46
N ALA B 85 -4.04 5.49 11.95
CA ALA B 85 -4.49 6.87 12.13
C ALA B 85 -4.86 7.50 10.80
N MET B 86 -4.15 7.14 9.74
CA MET B 86 -4.50 7.65 8.42
C MET B 86 -5.88 7.15 8.00
N LEU B 87 -6.24 5.93 8.40
CA LEU B 87 -7.56 5.41 8.02
C LEU B 87 -8.66 5.96 8.91
N THR B 88 -8.45 6.02 10.22
CA THR B 88 -9.52 6.50 11.07
C THR B 88 -9.79 7.98 10.84
N GLU B 89 -8.80 8.72 10.35
CA GLU B 89 -9.05 10.12 10.02
C GLU B 89 -10.14 10.22 8.97
N ILE B 90 -10.18 9.27 8.03
CA ILE B 90 -11.22 9.27 7.01
C ILE B 90 -12.54 8.77 7.57
N GLY B 91 -12.51 8.01 8.65
CA GLY B 91 -13.73 7.53 9.28
C GLY B 91 -14.22 6.19 8.79
N ILE B 92 -13.37 5.42 8.12
CA ILE B 92 -13.83 4.15 7.55
C ILE B 92 -13.97 3.12 8.66
N HIS B 93 -14.66 2.03 8.35
CA HIS B 93 -15.03 1.08 9.40
C HIS B 93 -14.24 -0.22 9.39
N TYR B 94 -13.79 -0.70 8.23
CA TYR B 94 -13.21 -2.03 8.09
C TYR B 94 -11.81 -1.97 7.50
N VAL B 95 -11.05 -3.04 7.70
CA VAL B 95 -9.80 -3.20 6.97
C VAL B 95 -9.54 -4.68 6.72
N VAL B 96 -9.26 -5.02 5.47
CA VAL B 96 -8.87 -6.39 5.11
C VAL B 96 -7.43 -6.59 5.51
N ILE B 97 -7.15 -7.66 6.25
CA ILE B 97 -5.80 -7.90 6.74
C ILE B 97 -5.39 -9.33 6.41
N GLY B 98 -4.17 -9.49 5.94
CA GLY B 98 -3.65 -10.82 5.69
C GLY B 98 -4.21 -11.48 4.46
N HIS B 99 -4.70 -10.70 3.50
CA HIS B 99 -5.20 -11.27 2.26
C HIS B 99 -4.10 -12.11 1.57
N SER B 100 -4.52 -13.22 0.96
N SER B 100 -4.52 -13.21 0.96
CA SER B 100 -3.56 -14.14 0.38
CA SER B 100 -3.53 -14.14 0.40
C SER B 100 -2.63 -13.46 -0.61
C SER B 100 -2.62 -13.46 -0.61
N GLU B 101 -3.12 -12.45 -1.32
CA GLU B 101 -2.26 -11.75 -2.27
C GLU B 101 -1.13 -11.02 -1.54
N ARG B 102 -1.36 -10.51 -0.31
CA ARG B 102 -0.25 -9.89 0.43
C ARG B 102 0.74 -10.94 0.91
N ARG B 103 0.23 -12.13 1.28
CA ARG B 103 1.10 -13.22 1.70
C ARG B 103 1.88 -13.79 0.53
N GLN B 104 1.25 -13.87 -0.65
CA GLN B 104 1.91 -14.46 -1.80
C GLN B 104 2.98 -13.54 -2.39
N TYR B 105 2.70 -12.24 -2.50
CA TYR B 105 3.57 -11.34 -3.23
C TYR B 105 4.34 -10.37 -2.35
N PHE B 106 3.80 -9.99 -1.20
CA PHE B 106 4.30 -8.79 -0.53
C PHE B 106 4.76 -9.08 0.90
N GLY B 107 5.21 -10.31 1.16
CA GLY B 107 5.92 -10.59 2.40
C GLY B 107 5.07 -10.71 3.65
N GLU B 108 3.74 -10.74 3.54
CA GLU B 108 2.92 -10.90 4.73
C GLU B 108 3.09 -12.28 5.35
N THR B 109 3.32 -12.31 6.66
CA THR B 109 3.40 -13.55 7.42
C THR B 109 2.22 -13.62 8.38
N ASP B 110 2.04 -14.80 9.01
CA ASP B 110 1.04 -14.87 10.06
C ASP B 110 1.33 -13.87 11.15
N GLU B 111 2.61 -13.69 11.46
CA GLU B 111 3.01 -12.79 12.53
C GLU B 111 2.69 -11.35 12.18
N THR B 112 2.99 -10.92 10.96
CA THR B 112 2.68 -9.52 10.62
C THR B 112 1.19 -9.32 10.44
N ALA B 113 0.45 -10.33 9.96
CA ALA B 113 -1.00 -10.20 9.89
C ALA B 113 -1.58 -9.97 11.28
N ASN B 114 -1.13 -10.76 12.26
CA ASN B 114 -1.54 -10.58 13.65
C ASN B 114 -1.28 -9.16 14.12
N LEU B 115 -0.06 -8.66 13.86
CA LEU B 115 0.28 -7.33 14.37
C LEU B 115 -0.58 -6.26 13.70
N ARG B 116 -0.90 -6.43 12.41
CA ARG B 116 -1.79 -5.47 11.75
C ARG B 116 -3.19 -5.52 12.35
N VAL B 117 -3.69 -6.73 12.63
CA VAL B 117 -5.00 -6.86 13.29
C VAL B 117 -5.02 -6.07 14.61
N LEU B 118 -3.98 -6.26 15.43
CA LEU B 118 -3.92 -5.55 16.70
C LEU B 118 -3.96 -4.04 16.49
N ALA B 119 -3.21 -3.55 15.50
CA ALA B 119 -3.19 -2.11 15.25
C ALA B 119 -4.57 -1.60 14.83
N ALA B 120 -5.23 -2.32 13.93
CA ALA B 120 -6.58 -1.94 13.52
C ALA B 120 -7.53 -1.89 14.71
N GLN B 121 -7.48 -2.92 15.57
CA GLN B 121 -8.39 -2.96 16.70
C GLN B 121 -8.16 -1.79 17.67
N LYS B 122 -6.90 -1.47 17.94
CA LYS B 122 -6.60 -0.43 18.90
C LYS B 122 -7.09 0.92 18.40
N ALA B 123 -7.22 1.08 17.07
CA ALA B 123 -7.73 2.30 16.47
C ALA B 123 -9.24 2.29 16.29
N GLY B 124 -9.92 1.19 16.60
CA GLY B 124 -11.35 1.10 16.43
C GLY B 124 -11.80 0.66 15.06
N LEU B 125 -10.89 0.20 14.21
CA LEU B 125 -11.28 -0.41 12.96
C LEU B 125 -11.72 -1.84 13.20
N ILE B 126 -12.57 -2.35 12.31
CA ILE B 126 -13.00 -3.74 12.35
C ILE B 126 -12.09 -4.53 11.41
N PRO B 127 -11.24 -5.42 11.91
CA PRO B 127 -10.36 -6.17 11.03
C PRO B 127 -11.09 -7.36 10.42
N ILE B 128 -10.82 -7.60 9.15
CA ILE B 128 -11.23 -8.82 8.46
C ILE B 128 -9.96 -9.60 8.20
N LEU B 129 -9.69 -10.60 9.06
CA LEU B 129 -8.48 -11.40 8.95
C LEU B 129 -8.72 -12.52 7.94
N CYS B 130 -7.90 -12.59 6.89
CA CYS B 130 -8.02 -13.63 5.88
C CYS B 130 -7.11 -14.81 6.20
N VAL B 131 -7.65 -16.02 6.11
CA VAL B 131 -6.90 -17.25 6.25
C VAL B 131 -7.27 -18.16 5.08
N GLY B 132 -6.38 -19.09 4.78
CA GLY B 132 -6.67 -20.01 3.69
C GLY B 132 -5.47 -20.85 3.27
N GLU B 133 -5.72 -22.10 2.89
CA GLU B 133 -4.66 -23.01 2.50
C GLU B 133 -4.40 -22.94 0.99
N SER B 134 -3.19 -23.28 0.61
CA SER B 134 -2.80 -23.40 -0.79
C SER B 134 -3.36 -24.68 -1.41
N LYS B 135 -3.33 -24.73 -2.75
CA LYS B 135 -3.67 -25.96 -3.46
C LYS B 135 -2.80 -27.11 -2.97
N ALA B 136 -1.50 -26.85 -2.83
CA ALA B 136 -0.58 -27.90 -2.39
C ALA B 136 -0.97 -28.41 -1.01
N GLN B 137 -1.30 -27.50 -0.10
CA GLN B 137 -1.69 -27.93 1.24
C GLN B 137 -3.02 -28.67 1.20
N ARG B 138 -3.97 -28.18 0.39
CA ARG B 138 -5.25 -28.86 0.23
C ARG B 138 -5.07 -30.29 -0.30
N ASP B 139 -4.27 -30.44 -1.35
CA ASP B 139 -4.07 -31.77 -1.94
C ASP B 139 -3.28 -32.70 -1.04
N ALA B 140 -2.46 -32.15 -0.14
CA ALA B 140 -1.73 -32.94 0.84
C ALA B 140 -2.56 -33.32 2.06
N GLY B 141 -3.82 -32.91 2.13
CA GLY B 141 -4.64 -33.21 3.29
C GLY B 141 -4.29 -32.39 4.51
N GLU B 142 -3.70 -31.21 4.32
CA GLU B 142 -3.19 -30.40 5.44
C GLU B 142 -4.07 -29.20 5.76
N THR B 143 -5.23 -29.08 5.12
CA THR B 143 -6.07 -27.90 5.31
C THR B 143 -6.32 -27.60 6.78
N GLU B 144 -6.73 -28.62 7.54
CA GLU B 144 -7.15 -28.35 8.91
C GLU B 144 -5.98 -27.86 9.75
N GLN B 145 -4.84 -28.54 9.68
CA GLN B 145 -3.69 -28.12 10.47
C GLN B 145 -3.21 -26.73 10.08
N VAL B 146 -3.21 -26.45 8.77
CA VAL B 146 -2.78 -25.15 8.26
C VAL B 146 -3.69 -24.05 8.78
N ILE B 147 -5.01 -24.27 8.71
CA ILE B 147 -5.95 -23.24 9.14
C ILE B 147 -5.86 -23.04 10.64
N VAL B 148 -5.74 -24.12 11.41
CA VAL B 148 -5.58 -23.99 12.86
C VAL B 148 -4.38 -23.12 13.18
N ASP B 149 -3.28 -23.33 12.45
CA ASP B 149 -2.07 -22.56 12.69
C ASP B 149 -2.24 -21.10 12.31
N GLN B 150 -2.87 -20.82 11.17
CA GLN B 150 -3.06 -19.42 10.78
C GLN B 150 -3.98 -18.70 11.74
N VAL B 151 -5.01 -19.39 12.23
CA VAL B 151 -5.94 -18.75 13.17
C VAL B 151 -5.25 -18.51 14.50
N LYS B 152 -4.48 -19.50 14.99
CA LYS B 152 -3.78 -19.33 16.26
C LYS B 152 -2.79 -18.18 16.19
N LYS B 153 -1.93 -18.19 15.18
CA LYS B 153 -0.93 -17.14 15.06
C LYS B 153 -1.56 -15.80 14.76
N GLY B 154 -2.60 -15.77 13.92
CA GLY B 154 -3.26 -14.51 13.58
C GLY B 154 -3.97 -13.83 14.75
N LEU B 155 -4.38 -14.59 15.77
CA LEU B 155 -5.26 -14.05 16.81
C LEU B 155 -4.58 -13.86 18.16
N VAL B 156 -3.26 -13.96 18.23
CA VAL B 156 -2.57 -13.72 19.49
C VAL B 156 -2.90 -12.31 19.98
N ASN B 157 -3.42 -12.22 21.20
CA ASN B 157 -3.79 -10.96 21.86
C ASN B 157 -4.96 -10.24 21.17
N VAL B 158 -5.65 -10.89 20.22
CA VAL B 158 -6.70 -10.22 19.47
C VAL B 158 -8.02 -10.24 20.24
N ASP B 159 -8.71 -9.11 20.24
CA ASP B 159 -10.05 -8.96 20.79
C ASP B 159 -11.05 -9.69 19.90
N GLN B 160 -11.59 -10.83 20.36
CA GLN B 160 -12.49 -11.55 19.48
C GLN B 160 -13.92 -11.00 19.50
N SER B 161 -14.16 -9.90 20.20
CA SER B 161 -15.44 -9.21 20.09
C SER B 161 -15.43 -8.13 19.02
N ASN B 162 -14.27 -7.88 18.39
CA ASN B 162 -14.16 -6.93 17.27
C ASN B 162 -13.32 -7.60 16.17
N LEU B 163 -13.92 -8.58 15.48
CA LEU B 163 -13.12 -9.42 14.61
C LEU B 163 -14.04 -10.07 13.59
N VAL B 164 -13.60 -10.04 12.32
CA VAL B 164 -14.21 -10.81 11.25
C VAL B 164 -13.12 -11.70 10.68
N ILE B 165 -13.45 -12.94 10.34
CA ILE B 165 -12.53 -13.86 9.72
C ILE B 165 -13.10 -14.21 8.36
N ALA B 166 -12.26 -14.18 7.33
CA ALA B 166 -12.64 -14.63 5.99
C ALA B 166 -11.82 -15.86 5.67
N TYR B 167 -12.51 -16.99 5.50
CA TYR B 167 -11.83 -18.20 5.00
C TYR B 167 -11.83 -18.14 3.49
N GLU B 168 -10.65 -17.97 2.89
CA GLU B 168 -10.51 -17.89 1.43
C GLU B 168 -9.50 -18.93 0.98
N PRO B 169 -9.93 -20.16 0.71
CA PRO B 169 -8.99 -21.15 0.16
C PRO B 169 -8.35 -20.58 -1.10
N ILE B 170 -7.02 -20.64 -1.16
CA ILE B 170 -6.30 -19.82 -2.12
C ILE B 170 -6.62 -20.24 -3.55
N TRP B 171 -6.76 -21.56 -3.75
CA TRP B 171 -7.10 -22.11 -5.05
C TRP B 171 -8.47 -21.70 -5.55
N ALA B 172 -9.31 -21.14 -4.70
CA ALA B 172 -10.62 -20.64 -5.09
C ALA B 172 -10.62 -19.16 -5.45
N ILE B 173 -9.53 -18.45 -5.19
CA ILE B 173 -9.52 -16.99 -5.36
C ILE B 173 -9.24 -16.66 -6.82
N GLY B 174 -10.19 -15.99 -7.46
CA GLY B 174 -10.03 -15.49 -8.82
C GLY B 174 -10.01 -16.56 -9.89
N THR B 175 -10.24 -17.82 -9.53
CA THR B 175 -10.13 -18.93 -10.47
C THR B 175 -11.46 -19.41 -11.01
N GLY B 176 -12.57 -19.04 -10.38
CA GLY B 176 -13.85 -19.67 -10.66
C GLY B 176 -14.03 -21.03 -10.01
N ASP B 177 -13.01 -21.57 -9.36
CA ASP B 177 -13.10 -22.86 -8.68
C ASP B 177 -13.62 -22.65 -7.26
N THR B 178 -14.91 -22.31 -7.16
CA THR B 178 -15.52 -22.05 -5.87
C THR B 178 -15.48 -23.29 -5.00
N CYS B 179 -15.11 -23.11 -3.74
CA CYS B 179 -15.14 -24.21 -2.78
C CYS B 179 -16.58 -24.69 -2.56
N ALA B 180 -16.79 -26.01 -2.52
CA ALA B 180 -18.13 -26.52 -2.25
C ALA B 180 -18.67 -25.88 -0.98
N ALA B 181 -19.95 -25.51 -1.01
CA ALA B 181 -20.53 -24.80 0.14
C ALA B 181 -20.40 -25.63 1.42
N THR B 182 -20.70 -26.92 1.34
N THR B 182 -20.71 -26.93 1.36
CA THR B 182 -20.59 -27.78 2.51
CA THR B 182 -20.59 -27.69 2.60
C THR B 182 -19.15 -27.84 3.02
C THR B 182 -19.14 -27.84 3.04
N GLU B 183 -18.18 -27.74 2.13
CA GLU B 183 -16.76 -27.80 2.52
C GLU B 183 -16.32 -26.49 3.18
N ALA B 184 -16.72 -25.36 2.61
CA ALA B 184 -16.52 -24.08 3.30
C ALA B 184 -17.16 -24.11 4.67
N ASN B 185 -18.38 -24.64 4.75
CA ASN B 185 -19.05 -24.74 6.03
C ASN B 185 -18.25 -25.60 7.02
N ARG B 186 -17.67 -26.70 6.54
CA ARG B 186 -16.93 -27.60 7.42
C ARG B 186 -15.68 -26.92 7.97
N VAL B 187 -14.92 -26.26 7.10
CA VAL B 187 -13.69 -25.60 7.54
C VAL B 187 -14.04 -24.41 8.43
N ILE B 188 -15.10 -23.69 8.09
CA ILE B 188 -15.45 -22.53 8.89
C ILE B 188 -15.95 -22.97 10.25
N GLY B 189 -16.60 -24.14 10.31
CA GLY B 189 -16.94 -24.69 11.61
C GLY B 189 -15.72 -24.99 12.45
N LEU B 190 -14.66 -25.48 11.82
CA LEU B 190 -13.41 -25.77 12.53
C LEU B 190 -12.77 -24.49 13.05
N ILE B 191 -12.78 -23.44 12.23
CA ILE B 191 -12.34 -22.11 12.68
C ILE B 191 -13.12 -21.70 13.91
N ARG B 192 -14.46 -21.75 13.82
CA ARG B 192 -15.29 -21.32 14.95
C ARG B 192 -14.95 -22.10 16.22
N GLU B 193 -14.60 -23.39 16.10
CA GLU B 193 -14.24 -24.19 17.27
C GLU B 193 -12.98 -23.68 17.94
N GLN B 194 -12.10 -23.02 17.19
N GLN B 194 -12.07 -23.05 17.18
CA GLN B 194 -10.85 -22.53 17.73
CA GLN B 194 -10.84 -22.51 17.76
C GLN B 194 -10.98 -21.18 18.39
C GLN B 194 -11.11 -21.29 18.60
N LEU B 195 -12.11 -20.50 18.22
CA LEU B 195 -12.31 -19.19 18.82
C LEU B 195 -12.80 -19.30 20.26
N THR B 196 -12.54 -18.26 21.04
CA THR B 196 -13.14 -18.13 22.35
C THR B 196 -14.49 -17.43 22.28
N ASN B 197 -14.74 -16.65 21.23
CA ASN B 197 -16.03 -16.01 21.02
C ASN B 197 -16.69 -16.68 19.83
N SER B 198 -17.68 -17.54 20.09
CA SER B 198 -18.30 -18.27 19.01
C SER B 198 -19.17 -17.39 18.12
N GLN B 199 -19.44 -16.15 18.52
CA GLN B 199 -20.34 -15.26 17.79
C GLN B 199 -19.64 -14.47 16.68
N VAL B 200 -18.33 -14.67 16.50
CA VAL B 200 -17.58 -13.99 15.45
C VAL B 200 -18.21 -14.27 14.08
N THR B 201 -18.38 -13.22 13.28
CA THR B 201 -18.74 -13.37 11.87
C THR B 201 -17.59 -14.02 11.10
N ILE B 202 -17.86 -15.17 10.47
CA ILE B 202 -16.87 -15.80 9.62
C ILE B 202 -17.43 -15.86 8.21
N GLN B 203 -16.70 -15.25 7.28
CA GLN B 203 -17.07 -15.17 5.88
C GLN B 203 -16.39 -16.27 5.08
N TYR B 204 -17.01 -16.60 3.95
CA TYR B 204 -16.34 -17.35 2.91
C TYR B 204 -15.92 -16.39 1.80
N GLY B 205 -14.73 -16.62 1.26
CA GLY B 205 -14.31 -15.92 0.06
C GLY B 205 -13.67 -16.88 -0.93
N GLY B 206 -13.78 -16.54 -2.21
CA GLY B 206 -13.15 -17.33 -3.25
C GLY B 206 -14.15 -17.68 -4.33
N SER B 207 -14.28 -16.80 -5.32
CA SER B 207 -15.20 -16.98 -6.44
C SER B 207 -16.65 -17.10 -5.98
N VAL B 208 -17.04 -16.25 -5.02
CA VAL B 208 -18.45 -16.03 -4.74
C VAL B 208 -19.05 -15.22 -5.89
N ASN B 209 -20.23 -15.61 -6.34
CA ASN B 209 -20.91 -14.85 -7.37
C ASN B 209 -22.40 -14.88 -7.09
N ALA B 210 -23.16 -14.16 -7.91
CA ALA B 210 -24.60 -14.05 -7.67
C ALA B 210 -25.29 -15.41 -7.75
N ASN B 211 -24.65 -16.42 -8.34
CA ASN B 211 -25.29 -17.71 -8.56
C ASN B 211 -24.90 -18.77 -7.54
N ASN B 212 -23.89 -18.52 -6.71
CA ASN B 212 -23.62 -19.41 -5.59
C ASN B 212 -23.81 -18.75 -4.24
N VAL B 213 -24.10 -17.45 -4.17
CA VAL B 213 -24.17 -16.81 -2.86
C VAL B 213 -25.30 -17.38 -2.02
N ASP B 214 -26.44 -17.72 -2.65
CA ASP B 214 -27.57 -18.26 -1.88
C ASP B 214 -27.18 -19.56 -1.18
N GLU B 215 -26.54 -20.47 -1.92
CA GLU B 215 -26.15 -21.75 -1.34
C GLU B 215 -25.09 -21.57 -0.26
N ILE B 216 -24.15 -20.65 -0.47
CA ILE B 216 -23.09 -20.43 0.51
C ILE B 216 -23.67 -19.85 1.79
N MET B 217 -24.51 -18.82 1.67
CA MET B 217 -25.06 -18.17 2.85
C MET B 217 -26.02 -19.07 3.60
N ALA B 218 -26.59 -20.06 2.94
CA ALA B 218 -27.52 -20.95 3.62
C ALA B 218 -26.80 -21.90 4.58
N GLN B 219 -25.50 -22.09 4.41
CA GLN B 219 -24.75 -22.95 5.33
C GLN B 219 -24.78 -22.40 6.75
N PRO B 220 -24.93 -23.27 7.76
CA PRO B 220 -25.19 -22.77 9.11
C PRO B 220 -24.02 -22.04 9.73
N GLU B 221 -22.78 -22.38 9.36
CA GLU B 221 -21.60 -21.74 9.93
C GLU B 221 -21.17 -20.46 9.21
N ILE B 222 -21.74 -20.16 8.06
CA ILE B 222 -21.21 -19.11 7.19
C ILE B 222 -22.06 -17.87 7.39
N ASP B 223 -21.39 -16.76 7.74
CA ASP B 223 -22.06 -15.52 8.12
C ASP B 223 -21.88 -14.41 7.10
N GLY B 224 -21.23 -14.69 5.98
CA GLY B 224 -21.03 -13.62 5.03
C GLY B 224 -20.07 -14.05 3.94
N ALA B 225 -19.67 -13.07 3.14
CA ALA B 225 -18.84 -13.35 2.00
C ALA B 225 -17.88 -12.19 1.80
N LEU B 226 -16.66 -12.52 1.40
CA LEU B 226 -15.67 -11.54 0.93
C LEU B 226 -15.53 -11.79 -0.57
N VAL B 227 -15.99 -10.83 -1.38
CA VAL B 227 -16.29 -11.05 -2.79
C VAL B 227 -15.31 -10.25 -3.63
N GLY B 228 -14.55 -10.94 -4.47
CA GLY B 228 -13.60 -10.24 -5.33
C GLY B 228 -14.18 -9.81 -6.66
N GLY B 229 -13.92 -10.57 -7.72
CA GLY B 229 -14.34 -10.17 -9.05
C GLY B 229 -15.82 -9.79 -9.16
N ALA B 230 -16.68 -10.53 -8.48
CA ALA B 230 -18.12 -10.27 -8.58
C ALA B 230 -18.58 -9.05 -7.79
N SER B 231 -17.67 -8.38 -7.07
CA SER B 231 -18.02 -7.11 -6.43
C SER B 231 -17.72 -5.91 -7.30
N LEU B 232 -17.15 -6.11 -8.50
CA LEU B 232 -16.65 -4.99 -9.28
C LEU B 232 -17.75 -4.23 -10.02
N GLU B 233 -18.93 -4.82 -10.17
CA GLU B 233 -19.98 -4.10 -10.87
C GLU B 233 -21.27 -4.18 -10.07
N PRO B 234 -22.12 -3.16 -10.17
CA PRO B 234 -23.15 -2.97 -9.13
C PRO B 234 -24.23 -4.02 -9.13
N GLN B 235 -24.68 -4.46 -10.30
N GLN B 235 -24.71 -4.45 -10.30
CA GLN B 235 -25.80 -5.40 -10.37
CA GLN B 235 -25.82 -5.41 -10.32
C GLN B 235 -25.40 -6.74 -9.76
C GLN B 235 -25.38 -6.73 -9.71
N SER B 236 -24.20 -7.22 -10.09
CA SER B 236 -23.67 -8.44 -9.49
C SER B 236 -23.57 -8.30 -7.98
N PHE B 237 -22.89 -7.26 -7.49
CA PHE B 237 -22.67 -7.17 -6.05
C PHE B 237 -23.99 -6.98 -5.31
N ALA B 238 -24.91 -6.19 -5.88
CA ALA B 238 -26.21 -6.00 -5.23
C ALA B 238 -26.96 -7.32 -5.07
N ARG B 239 -26.91 -8.18 -6.09
CA ARG B 239 -27.60 -9.46 -5.96
C ARG B 239 -26.94 -10.34 -4.91
N ILE B 240 -25.64 -10.15 -4.68
CA ILE B 240 -24.97 -10.89 -3.61
C ILE B 240 -25.37 -10.32 -2.25
N VAL B 241 -25.43 -8.99 -2.12
CA VAL B 241 -25.99 -8.37 -0.93
C VAL B 241 -27.41 -8.86 -0.70
N ASN B 242 -28.21 -8.92 -1.76
CA ASN B 242 -29.61 -9.31 -1.68
C ASN B 242 -29.78 -10.81 -1.84
N PHE B 243 -28.89 -11.59 -1.21
CA PHE B 243 -28.99 -13.04 -1.32
C PHE B 243 -30.32 -13.50 -0.75
N GLN B 244 -30.80 -14.62 -1.27
CA GLN B 244 -32.11 -15.14 -0.90
C GLN B 244 -31.98 -16.47 -0.18
N PRO B 245 -33.02 -16.90 0.54
CA PRO B 245 -32.98 -18.25 1.13
C PRO B 245 -32.96 -19.37 0.08
NA NA C . 26.46 18.11 -7.03
P PGA D . 16.60 8.92 6.24
O1P PGA D . 15.73 8.08 5.21
O2P PGA D . 16.88 10.29 5.63
O3P PGA D . 17.89 8.18 6.42
O4P PGA D . 15.86 9.00 7.57
C2 PGA D . 15.97 8.26 3.83
C1 PGA D . 15.16 7.26 3.05
O1 PGA D . 14.56 7.62 2.02
O2 PGA D . 15.09 6.07 3.45
NA NA E . -25.40 -18.96 7.01
P PGA F . -12.62 -13.59 -5.84
O1P PGA F . -11.65 -12.83 -4.80
O2P PGA F . -12.40 -12.94 -7.21
O3P PGA F . -12.23 -15.05 -5.80
O4P PGA F . -14.04 -13.43 -5.34
C2 PGA F . -11.88 -13.06 -3.43
C1 PGA F . -10.82 -12.34 -2.62
O1 PGA F . -11.11 -11.63 -1.63
O2 PGA F . -9.63 -12.48 -2.95
#